data_7NAI
#
_entry.id   7NAI
#
_cell.length_a   86.192
_cell.length_b   116.779
_cell.length_c   33.016
_cell.angle_alpha   90.000
_cell.angle_beta   90.000
_cell.angle_gamma   90.000
#
_symmetry.space_group_name_H-M   'P 21 21 2'
#
loop_
_entity.id
_entity.type
_entity.pdbx_description
1 polymer 'Sterile alpha and TIR motif-containing protein 1'
2 non-polymer '[[(2~{R},3~{S},4~{R},5~{R})-5-(6-aminopurin-9-yl)-3,4-bis(oxidanyl)oxolan-2-yl]methoxy-oxidanyl-phosphoryl] [(2~{R},3~{S},4~{R},5~{R})-5-(8-azanylisoquinolin-2-yl)-3,4-bis(oxidanyl)oxolan-2-yl]methyl hydrogen phosphate'
3 water water
#
_entity_poly.entity_id   1
_entity_poly.type   'polypeptide(L)'
_entity_poly.pdbx_seq_one_letter_code
;SNADTPDVFISYRRNSGSQLASLLKVHLQLHGFSVFIDVEKLEAGKFEDKLIQSVMGARNFVLVLSPGALDKCMQDHDCK
DWVHKEIVTALSCGKNIVPIIDGFEWPEPQVLPEDMQAVLTFNGIKWSHEYQEATIEKIIRFLQ
;
_entity_poly.pdbx_strand_id   A,B
#
loop_
_chem_comp.id
_chem_comp.type
_chem_comp.name
_chem_comp.formula
1O4 non-polymer '[[(2~{R},3~{S},4~{R},5~{R})-5-(6-aminopurin-9-yl)-3,4-bis(oxidanyl)oxolan-2-yl]methoxy-oxidanyl-phosphoryl] [(2~{R},3~{S},4~{R},5~{R})-5-(8-azanylisoquinolin-2-yl)-3,4-bis(oxidanyl)oxolan-2-yl]methyl hydrogen phosphate' 'C24 H30 N7 O13 P2 1'
#
# COMPACT_ATOMS: atom_id res chain seq x y z
N THR A 5 -0.62 25.35 -6.64
CA THR A 5 -0.55 24.07 -7.34
C THR A 5 0.40 23.10 -6.62
N PRO A 6 0.27 21.81 -6.90
CA PRO A 6 1.01 20.83 -6.10
C PRO A 6 2.52 20.92 -6.30
N ASP A 7 3.24 20.60 -5.21
CA ASP A 7 4.71 20.49 -5.17
C ASP A 7 5.21 19.15 -5.69
N VAL A 8 4.38 18.11 -5.57
CA VAL A 8 4.78 16.73 -5.80
C VAL A 8 3.71 16.05 -6.64
N PHE A 9 4.13 15.40 -7.73
CA PHE A 9 3.26 14.56 -8.55
C PHE A 9 3.66 13.12 -8.31
N ILE A 10 2.69 12.23 -8.02
CA ILE A 10 2.96 10.82 -7.80
C ILE A 10 2.47 10.03 -9.00
N SER A 11 3.41 9.37 -9.68
CA SER A 11 3.15 8.55 -10.85
C SER A 11 3.28 7.09 -10.41
N TYR A 12 2.30 6.25 -10.79
CA TYR A 12 2.27 4.89 -10.30
C TYR A 12 1.50 4.00 -11.25
N ARG A 13 1.73 2.68 -11.12
CA ARG A 13 0.99 1.68 -11.90
C ARG A 13 -0.23 1.25 -11.09
N ARG A 14 -1.42 1.49 -11.63
CA ARG A 14 -2.66 1.33 -10.85
C ARG A 14 -2.81 -0.09 -10.34
N ASN A 15 -2.42 -1.10 -11.14
CA ASN A 15 -2.67 -2.48 -10.74
C ASN A 15 -1.64 -3.04 -9.77
N SER A 16 -0.57 -2.30 -9.43
CA SER A 16 0.45 -2.84 -8.53
C SER A 16 1.02 -1.86 -7.53
N GLY A 17 0.96 -0.55 -7.78
CA GLY A 17 1.57 0.41 -6.88
C GLY A 17 0.58 1.35 -6.20
N SER A 18 -0.72 1.05 -6.28
N SER A 18 -0.73 1.05 -6.31
CA SER A 18 -1.71 2.02 -5.81
CA SER A 18 -1.74 1.97 -5.80
C SER A 18 -1.65 2.21 -4.31
C SER A 18 -1.62 2.20 -4.31
N GLN A 19 -1.38 1.15 -3.55
N GLN A 19 -1.37 1.13 -3.55
CA GLN A 19 -1.36 1.28 -2.10
CA GLN A 19 -1.34 1.26 -2.09
C GLN A 19 -0.14 2.08 -1.65
C GLN A 19 -0.15 2.08 -1.64
N LEU A 20 1.03 1.81 -2.21
CA LEU A 20 2.20 2.57 -1.83
C LEU A 20 2.07 4.02 -2.25
N ALA A 21 1.55 4.26 -3.46
CA ALA A 21 1.34 5.64 -3.91
C ALA A 21 0.47 6.40 -2.92
N SER A 22 -0.59 5.76 -2.42
CA SER A 22 -1.50 6.39 -1.44
C SER A 22 -0.80 6.64 -0.11
N LEU A 23 0.01 5.69 0.31
CA LEU A 23 0.79 5.83 1.55
C LEU A 23 1.78 6.98 1.46
N LEU A 24 2.49 7.07 0.34
CA LEU A 24 3.38 8.20 0.13
C LEU A 24 2.62 9.54 0.18
N LYS A 25 1.44 9.58 -0.42
CA LYS A 25 0.66 10.82 -0.43
C LYS A 25 0.34 11.27 0.99
N VAL A 26 -0.12 10.34 1.83
CA VAL A 26 -0.49 10.69 3.19
C VAL A 26 0.72 11.23 3.94
N HIS A 27 1.85 10.52 3.87
CA HIS A 27 3.03 10.96 4.60
C HIS A 27 3.52 12.31 4.13
N LEU A 28 3.59 12.52 2.82
CA LEU A 28 4.10 13.79 2.34
C LEU A 28 3.14 14.94 2.68
N GLN A 29 1.83 14.69 2.69
CA GLN A 29 0.92 15.74 3.11
C GLN A 29 1.08 16.06 4.61
N LEU A 30 1.32 15.03 5.41
CA LEU A 30 1.52 15.28 6.83
C LEU A 30 2.75 16.13 7.08
N HIS A 31 3.74 16.05 6.19
CA HIS A 31 4.94 16.85 6.30
C HIS A 31 4.85 18.19 5.55
N GLY A 32 3.66 18.59 5.12
CA GLY A 32 3.45 19.92 4.60
C GLY A 32 3.53 20.11 3.09
N PHE A 33 3.75 19.05 2.32
CA PHE A 33 3.79 19.15 0.87
C PHE A 33 2.38 19.09 0.27
N SER A 34 2.15 19.87 -0.78
N SER A 34 2.16 19.86 -0.79
CA SER A 34 0.96 19.72 -1.61
CA SER A 34 0.96 19.72 -1.60
C SER A 34 1.25 18.64 -2.63
C SER A 34 1.23 18.65 -2.65
N VAL A 35 0.39 17.63 -2.69
CA VAL A 35 0.63 16.43 -3.47
C VAL A 35 -0.49 16.26 -4.47
N PHE A 36 -0.12 15.91 -5.70
CA PHE A 36 -1.04 15.46 -6.72
C PHE A 36 -0.97 13.95 -6.85
N ILE A 37 -2.08 13.29 -6.62
CA ILE A 37 -2.29 11.92 -7.08
C ILE A 37 -3.67 11.93 -7.76
N ASP A 38 -3.78 11.18 -8.86
CA ASP A 38 -4.95 11.31 -9.72
C ASP A 38 -6.26 11.12 -8.96
N VAL A 39 -6.34 10.13 -8.08
CA VAL A 39 -7.62 9.85 -7.45
C VAL A 39 -8.06 10.93 -6.48
N GLU A 40 -7.16 11.79 -6.04
CA GLU A 40 -7.57 12.90 -5.19
C GLU A 40 -7.75 14.20 -5.95
N LYS A 41 -6.96 14.47 -6.98
CA LYS A 41 -6.90 15.81 -7.53
C LYS A 41 -7.22 15.95 -9.02
N LEU A 42 -7.34 14.85 -9.77
CA LEU A 42 -7.72 14.96 -11.16
C LEU A 42 -9.23 15.16 -11.20
N GLU A 43 -9.66 16.28 -11.77
CA GLU A 43 -11.07 16.61 -11.81
C GLU A 43 -11.56 16.57 -13.26
N ALA A 44 -12.54 17.42 -13.59
CA ALA A 44 -13.24 17.22 -14.86
C ALA A 44 -12.41 17.67 -16.05
N GLY A 45 -12.67 17.04 -17.18
CA GLY A 45 -12.12 17.44 -18.45
C GLY A 45 -11.43 16.30 -19.14
N LYS A 46 -10.74 16.63 -20.23
CA LYS A 46 -9.98 15.63 -20.96
C LYS A 46 -8.75 15.24 -20.16
N PHE A 47 -8.70 13.97 -19.74
CA PHE A 47 -7.72 13.59 -18.72
C PHE A 47 -6.31 13.63 -19.28
N GLU A 48 -6.14 13.43 -20.58
CA GLU A 48 -4.79 13.43 -21.13
C GLU A 48 -4.13 14.80 -20.92
N ASP A 49 -4.83 15.87 -21.29
CA ASP A 49 -4.27 17.21 -21.09
C ASP A 49 -4.11 17.55 -19.62
N LYS A 50 -5.09 17.19 -18.78
CA LYS A 50 -5.04 17.57 -17.37
C LYS A 50 -3.89 16.85 -16.66
N LEU A 51 -3.67 15.57 -16.98
CA LEU A 51 -2.62 14.82 -16.30
C LEU A 51 -1.25 15.36 -16.69
N ILE A 52 -1.05 15.59 -17.99
CA ILE A 52 0.23 16.15 -18.44
C ILE A 52 0.46 17.53 -17.82
N GLN A 53 -0.58 18.36 -17.76
CA GLN A 53 -0.40 19.68 -17.16
C GLN A 53 -0.07 19.58 -15.67
N SER A 54 -0.59 18.55 -15.00
CA SER A 54 -0.33 18.40 -13.58
C SER A 54 1.10 17.93 -13.33
N VAL A 55 1.65 17.10 -14.22
CA VAL A 55 3.08 16.79 -14.15
C VAL A 55 3.90 18.05 -14.34
N MET A 56 3.55 18.87 -15.34
CA MET A 56 4.29 20.10 -15.60
C MET A 56 4.24 21.07 -14.43
N GLY A 57 3.13 21.11 -13.70
CA GLY A 57 2.99 22.05 -12.62
C GLY A 57 3.82 21.73 -11.38
N ALA A 58 4.21 20.46 -11.18
CA ALA A 58 4.86 20.05 -9.94
C ALA A 58 6.37 20.01 -10.10
N ARG A 59 7.09 20.57 -9.11
CA ARG A 59 8.54 20.59 -9.16
C ARG A 59 9.11 19.20 -9.02
N ASN A 60 8.46 18.35 -8.22
CA ASN A 60 8.97 17.05 -7.86
C ASN A 60 8.10 15.97 -8.49
N PHE A 61 8.73 14.93 -9.01
CA PHE A 61 8.04 13.82 -9.66
C PHE A 61 8.47 12.55 -8.94
N VAL A 62 7.56 11.99 -8.14
CA VAL A 62 7.79 10.79 -7.36
C VAL A 62 7.23 9.61 -8.15
N LEU A 63 8.11 8.70 -8.53
CA LEU A 63 7.76 7.58 -9.40
C LEU A 63 7.75 6.29 -8.60
N VAL A 64 6.58 5.67 -8.47
CA VAL A 64 6.45 4.44 -7.70
C VAL A 64 6.78 3.25 -8.58
N LEU A 65 7.95 2.65 -8.35
CA LEU A 65 8.40 1.50 -9.10
C LEU A 65 8.10 0.23 -8.29
N SER A 66 6.88 -0.23 -8.42
CA SER A 66 6.44 -1.54 -7.97
C SER A 66 6.92 -2.61 -8.94
N PRO A 67 6.76 -3.88 -8.61
CA PRO A 67 7.32 -4.93 -9.49
C PRO A 67 6.67 -4.88 -10.88
N GLY A 68 7.52 -4.88 -11.90
CA GLY A 68 7.02 -4.83 -13.26
C GLY A 68 6.43 -3.51 -13.70
N ALA A 69 6.68 -2.42 -12.97
CA ALA A 69 5.96 -1.18 -13.22
C ALA A 69 6.27 -0.56 -14.59
N LEU A 70 7.40 -0.86 -15.20
CA LEU A 70 7.72 -0.30 -16.52
C LEU A 70 7.47 -1.29 -17.64
N ASP A 71 6.88 -2.45 -17.33
CA ASP A 71 6.68 -3.49 -18.34
C ASP A 71 5.82 -2.99 -19.50
N LYS A 72 4.71 -2.32 -19.21
CA LYS A 72 3.84 -1.83 -20.27
C LYS A 72 4.46 -0.67 -21.04
N CYS A 73 5.57 -0.10 -20.56
CA CYS A 73 6.32 0.89 -21.31
C CYS A 73 7.16 0.26 -22.41
N MET A 74 7.48 -1.02 -22.29
CA MET A 74 8.40 -1.64 -23.23
C MET A 74 7.71 -1.75 -24.58
N GLN A 75 8.41 -1.34 -25.63
CA GLN A 75 7.92 -1.32 -27.00
C GLN A 75 6.77 -0.35 -27.22
N ASP A 76 6.49 0.52 -26.25
CA ASP A 76 5.41 1.51 -26.37
C ASP A 76 5.92 2.76 -27.08
N HIS A 77 6.42 2.58 -28.30
CA HIS A 77 7.11 3.69 -28.97
C HIS A 77 6.17 4.80 -29.40
N ASP A 78 4.87 4.52 -29.56
CA ASP A 78 3.82 5.50 -29.77
C ASP A 78 3.44 6.27 -28.50
N CYS A 79 4.03 5.92 -27.36
CA CYS A 79 3.81 6.60 -26.09
C CYS A 79 2.33 6.63 -25.73
N LYS A 80 1.69 5.47 -25.79
CA LYS A 80 0.31 5.36 -25.39
C LYS A 80 0.15 4.95 -23.94
N ASP A 81 1.18 4.38 -23.34
CA ASP A 81 1.14 3.98 -21.95
C ASP A 81 1.28 5.20 -21.03
N TRP A 82 0.46 5.23 -19.98
CA TRP A 82 0.34 6.45 -19.20
C TRP A 82 1.52 6.67 -18.27
N VAL A 83 2.10 5.61 -17.69
CA VAL A 83 3.31 5.83 -16.90
C VAL A 83 4.41 6.31 -17.83
N HIS A 84 4.49 5.73 -19.03
CA HIS A 84 5.45 6.22 -20.01
C HIS A 84 5.24 7.70 -20.29
N LYS A 85 3.98 8.12 -20.52
CA LYS A 85 3.71 9.52 -20.82
C LYS A 85 4.12 10.43 -19.68
N GLU A 86 3.81 10.03 -18.45
CA GLU A 86 4.14 10.86 -17.31
C GLU A 86 5.64 10.97 -17.13
N ILE A 87 6.38 9.87 -17.33
CA ILE A 87 7.84 9.89 -17.21
C ILE A 87 8.44 10.80 -18.28
N VAL A 88 7.97 10.68 -19.52
CA VAL A 88 8.57 11.49 -20.59
C VAL A 88 8.34 12.97 -20.33
N THR A 89 7.14 13.31 -19.85
CA THR A 89 6.85 14.69 -19.47
C THR A 89 7.81 15.17 -18.39
N ALA A 90 7.99 14.37 -17.33
CA ALA A 90 8.88 14.77 -16.25
C ALA A 90 10.32 14.93 -16.73
N LEU A 91 10.79 14.01 -17.58
CA LEU A 91 12.15 14.11 -18.09
C LEU A 91 12.31 15.35 -18.95
N SER A 92 11.34 15.60 -19.84
N SER A 92 11.35 15.57 -19.87
CA SER A 92 11.51 16.67 -20.82
CA SER A 92 11.49 16.70 -20.80
C SER A 92 11.33 18.05 -20.19
C SER A 92 11.50 18.01 -20.07
N CYS A 93 10.69 18.13 -19.03
CA CYS A 93 10.57 19.35 -18.25
C CYS A 93 11.68 19.52 -17.22
N GLY A 94 12.58 18.56 -17.09
CA GLY A 94 13.67 18.69 -16.15
C GLY A 94 13.24 18.65 -14.71
N LYS A 95 12.23 17.85 -14.40
CA LYS A 95 11.72 17.75 -13.05
C LYS A 95 12.72 17.06 -12.14
N ASN A 96 12.56 17.31 -10.84
CA ASN A 96 13.28 16.55 -9.81
C ASN A 96 12.59 15.21 -9.66
N ILE A 97 13.17 14.20 -10.28
CA ILE A 97 12.58 12.87 -10.35
C ILE A 97 13.11 12.03 -9.18
N VAL A 98 12.21 11.42 -8.43
CA VAL A 98 12.56 10.65 -7.24
C VAL A 98 11.92 9.27 -7.37
N PRO A 99 12.65 8.28 -7.89
CA PRO A 99 12.11 6.92 -7.99
C PRO A 99 12.07 6.27 -6.63
N ILE A 100 10.96 5.58 -6.36
CA ILE A 100 10.76 4.77 -5.16
C ILE A 100 10.68 3.32 -5.58
N ILE A 101 11.63 2.53 -5.11
CA ILE A 101 11.79 1.14 -5.54
C ILE A 101 11.15 0.23 -4.51
N ASP A 102 10.16 -0.56 -4.94
CA ASP A 102 9.44 -1.51 -4.06
C ASP A 102 9.33 -2.84 -4.79
N GLY A 103 10.37 -3.67 -4.69
CA GLY A 103 10.38 -4.94 -5.39
C GLY A 103 10.67 -4.85 -6.87
N PHE A 104 11.14 -3.71 -7.34
CA PHE A 104 11.37 -3.47 -8.75
C PHE A 104 12.78 -3.91 -9.13
N GLU A 105 12.88 -4.58 -10.28
CA GLU A 105 14.16 -4.97 -10.86
C GLU A 105 14.51 -4.00 -11.98
N TRP A 106 15.67 -3.36 -11.87
CA TRP A 106 16.16 -2.45 -12.90
C TRP A 106 16.29 -3.14 -14.24
N PRO A 107 15.58 -2.72 -15.28
CA PRO A 107 15.77 -3.31 -16.60
C PRO A 107 16.99 -2.72 -17.28
N GLU A 108 17.46 -3.43 -18.30
CA GLU A 108 18.48 -2.87 -19.16
C GLU A 108 17.88 -1.69 -19.94
N PRO A 109 18.64 -0.61 -20.15
CA PRO A 109 18.07 0.55 -20.84
C PRO A 109 17.46 0.24 -22.20
N GLN A 110 18.04 -0.68 -22.97
CA GLN A 110 17.62 -0.86 -24.34
C GLN A 110 16.29 -1.58 -24.49
N VAL A 111 15.68 -2.05 -23.39
CA VAL A 111 14.33 -2.59 -23.49
C VAL A 111 13.27 -1.51 -23.43
N LEU A 112 13.65 -0.32 -23.05
CA LEU A 112 12.76 0.82 -22.91
C LEU A 112 12.85 1.77 -24.09
N PRO A 113 11.75 2.45 -24.44
CA PRO A 113 11.84 3.45 -25.51
C PRO A 113 12.87 4.52 -25.18
N GLU A 114 13.52 5.04 -26.23
CA GLU A 114 14.63 5.96 -26.03
C GLU A 114 14.22 7.20 -25.25
N ASP A 115 12.98 7.66 -25.41
CA ASP A 115 12.59 8.90 -24.75
C ASP A 115 12.40 8.75 -23.24
N MET A 116 12.52 7.55 -22.69
CA MET A 116 12.44 7.42 -21.22
C MET A 116 13.61 6.67 -20.62
N GLN A 117 14.62 6.29 -21.40
CA GLN A 117 15.74 5.55 -20.84
C GLN A 117 16.45 6.33 -19.74
N ALA A 118 16.45 7.66 -19.81
CA ALA A 118 17.13 8.48 -18.82
C ALA A 118 16.52 8.34 -17.42
N VAL A 119 15.31 7.78 -17.28
CA VAL A 119 14.75 7.66 -15.93
C VAL A 119 15.62 6.77 -15.06
N LEU A 120 16.32 5.81 -15.67
CA LEU A 120 17.19 4.90 -14.94
C LEU A 120 18.45 5.57 -14.38
N THR A 121 18.75 6.80 -14.74
CA THR A 121 19.97 7.48 -14.29
C THR A 121 19.77 8.29 -13.02
N PHE A 122 18.55 8.31 -12.47
CA PHE A 122 18.27 9.06 -11.26
C PHE A 122 18.46 8.19 -10.04
N ASN A 123 18.98 8.79 -8.98
CA ASN A 123 19.16 8.09 -7.71
C ASN A 123 17.80 7.75 -7.12
N GLY A 124 17.57 6.47 -6.89
CA GLY A 124 16.33 6.00 -6.32
C GLY A 124 16.40 5.69 -4.83
N ILE A 125 15.22 5.60 -4.24
CA ILE A 125 15.05 5.32 -2.81
C ILE A 125 14.40 3.95 -2.65
N LYS A 126 15.02 3.10 -1.84
CA LYS A 126 14.45 1.78 -1.60
C LYS A 126 13.38 1.89 -0.52
N TRP A 127 12.18 1.40 -0.82
CA TRP A 127 11.11 1.40 0.15
C TRP A 127 11.38 0.28 1.16
N SER A 128 11.44 0.62 2.46
CA SER A 128 11.66 -0.38 3.52
C SER A 128 10.42 -0.53 4.38
N HIS A 129 9.76 -1.69 4.25
CA HIS A 129 8.61 -1.98 5.09
C HIS A 129 8.99 -1.96 6.56
N GLU A 130 10.21 -2.39 6.90
CA GLU A 130 10.63 -2.42 8.30
C GLU A 130 11.05 -1.05 8.82
N TYR A 131 11.49 -0.14 7.96
CA TYR A 131 11.96 1.19 8.37
C TYR A 131 11.25 2.25 7.51
N GLN A 132 9.91 2.35 7.67
CA GLN A 132 9.14 3.27 6.82
C GLN A 132 9.39 4.73 7.17
N GLU A 133 9.49 5.05 8.46
CA GLU A 133 9.73 6.42 8.85
C GLU A 133 11.04 6.92 8.28
N ALA A 134 12.08 6.08 8.33
CA ALA A 134 13.38 6.45 7.76
C ALA A 134 13.30 6.60 6.26
N THR A 135 12.56 5.71 5.59
CA THR A 135 12.35 5.87 4.16
C THR A 135 11.69 7.21 3.85
N ILE A 136 10.63 7.54 4.59
CA ILE A 136 9.94 8.80 4.35
C ILE A 136 10.87 9.99 4.58
N GLU A 137 11.65 9.94 5.67
CA GLU A 137 12.59 11.02 5.95
C GLU A 137 13.57 11.21 4.79
N LYS A 138 14.01 10.12 4.16
CA LYS A 138 14.93 10.23 3.03
C LYS A 138 14.24 10.81 1.81
N ILE A 139 12.99 10.41 1.56
CA ILE A 139 12.23 11.02 0.46
C ILE A 139 12.12 12.52 0.67
N ILE A 140 11.79 12.96 1.89
CA ILE A 140 11.64 14.39 2.13
C ILE A 140 12.95 15.12 1.87
N ARG A 141 14.09 14.50 2.22
CA ARG A 141 15.38 15.12 1.90
C ARG A 141 15.58 15.29 0.40
N PHE A 142 15.07 14.35 -0.41
CA PHE A 142 15.23 14.41 -1.85
C PHE A 142 14.32 15.44 -2.49
N LEU A 143 13.24 15.83 -1.82
CA LEU A 143 12.30 16.77 -2.42
C LEU A 143 12.85 18.20 -2.40
N GLN A 144 12.51 18.93 -3.44
CA GLN A 144 12.86 20.34 -3.56
C GLN A 144 11.65 21.21 -3.24
N THR B 5 -2.49 -1.02 26.32
CA THR B 5 -2.06 -1.76 25.14
C THR B 5 -2.98 -1.45 23.93
N PRO B 6 -2.52 -1.80 22.72
CA PRO B 6 -3.20 -1.31 21.51
C PRO B 6 -4.68 -1.66 21.41
N ASP B 7 -5.43 -0.74 20.80
CA ASP B 7 -6.86 -0.92 20.50
C ASP B 7 -7.09 -1.86 19.33
N VAL B 8 -6.16 -1.88 18.37
CA VAL B 8 -6.34 -2.50 17.06
C VAL B 8 -5.10 -3.32 16.76
N PHE B 9 -5.30 -4.57 16.36
CA PHE B 9 -4.25 -5.43 15.83
C PHE B 9 -4.50 -5.57 14.34
N ILE B 10 -3.47 -5.31 13.54
CA ILE B 10 -3.53 -5.50 12.08
C ILE B 10 -2.81 -6.78 11.70
N SER B 11 -3.58 -7.72 11.14
CA SER B 11 -3.10 -9.00 10.63
C SER B 11 -3.08 -8.93 9.09
N TYR B 12 -1.97 -9.37 8.50
CA TYR B 12 -1.80 -9.23 7.06
C TYR B 12 -0.79 -10.25 6.56
N ARG B 13 -0.84 -10.48 5.24
CA ARG B 13 0.12 -11.32 4.55
C ARG B 13 1.29 -10.47 4.05
N ARG B 14 2.50 -10.76 4.54
CA ARG B 14 3.65 -9.91 4.27
C ARG B 14 3.88 -9.75 2.77
N ASN B 15 3.70 -10.82 2.00
CA ASN B 15 4.06 -10.78 0.58
C ASN B 15 3.05 -10.04 -0.30
N SER B 16 1.89 -9.63 0.22
CA SER B 16 0.90 -8.96 -0.63
C SER B 16 0.11 -7.85 0.03
N GLY B 17 -0.04 -7.84 1.35
CA GLY B 17 -0.84 -6.83 2.03
C GLY B 17 -0.05 -5.84 2.85
N SER B 18 1.28 -5.82 2.74
N SER B 18 1.28 -5.82 2.73
CA SER B 18 2.08 -4.99 3.63
CA SER B 18 2.13 -4.95 3.55
C SER B 18 1.82 -3.50 3.42
C SER B 18 1.77 -3.48 3.38
N GLN B 19 1.61 -3.08 2.17
N GLN B 19 1.59 -3.04 2.14
CA GLN B 19 1.40 -1.65 1.92
CA GLN B 19 1.37 -1.62 1.89
C GLN B 19 0.02 -1.20 2.43
C GLN B 19 0.02 -1.18 2.42
N LEU B 20 -1.03 -1.97 2.17
CA LEU B 20 -2.34 -1.60 2.70
C LEU B 20 -2.36 -1.67 4.22
N ALA B 21 -1.70 -2.66 4.80
CA ALA B 21 -1.63 -2.76 6.26
C ALA B 21 -0.97 -1.52 6.85
N SER B 22 0.11 -1.06 6.21
CA SER B 22 0.81 0.15 6.67
C SER B 22 -0.06 1.38 6.53
N LEU B 23 -0.81 1.47 5.42
CA LEU B 23 -1.71 2.60 5.18
C LEU B 23 -2.84 2.65 6.21
N LEU B 24 -3.44 1.50 6.48
CA LEU B 24 -4.43 1.42 7.56
C LEU B 24 -3.85 1.88 8.90
N LYS B 25 -2.64 1.46 9.22
CA LYS B 25 -2.05 1.87 10.50
C LYS B 25 -1.98 3.39 10.60
N VAL B 26 -1.48 4.05 9.55
CA VAL B 26 -1.34 5.51 9.59
C VAL B 26 -2.70 6.16 9.81
N HIS B 27 -3.69 5.79 8.98
CA HIS B 27 -4.99 6.44 9.10
C HIS B 27 -5.62 6.20 10.45
N LEU B 28 -5.55 4.98 10.98
CA LEU B 28 -6.22 4.73 12.24
C LEU B 28 -5.54 5.49 13.38
N GLN B 29 -4.21 5.61 13.33
CA GLN B 29 -3.51 6.42 14.33
C GLN B 29 -3.90 7.90 14.22
N LEU B 30 -4.06 8.40 13.00
CA LEU B 30 -4.47 9.79 12.81
C LEU B 30 -5.87 10.06 13.33
N HIS B 31 -6.70 9.03 13.45
CA HIS B 31 -8.03 9.17 14.01
C HIS B 31 -8.08 8.80 15.48
N GLY B 32 -6.95 8.55 16.11
CA GLY B 32 -6.88 8.42 17.55
C GLY B 32 -6.87 7.01 18.10
N PHE B 33 -6.70 6.01 17.26
CA PHE B 33 -6.62 4.62 17.74
C PHE B 33 -5.18 4.22 17.97
N SER B 34 -4.96 3.45 19.04
CA SER B 34 -3.67 2.81 19.21
C SER B 34 -3.66 1.53 18.39
N VAL B 35 -2.59 1.32 17.64
CA VAL B 35 -2.54 0.27 16.61
C VAL B 35 -1.30 -0.58 16.80
N PHE B 36 -1.46 -1.90 16.73
CA PHE B 36 -0.34 -2.83 16.69
C PHE B 36 -0.18 -3.34 15.27
N ILE B 37 0.97 -3.09 14.68
CA ILE B 37 1.42 -3.84 13.51
C ILE B 37 2.83 -4.31 13.82
N ASP B 38 3.17 -5.53 13.39
CA ASP B 38 4.39 -6.16 13.88
C ASP B 38 5.61 -5.28 13.64
N VAL B 39 5.74 -4.70 12.44
CA VAL B 39 6.97 -3.95 12.13
C VAL B 39 7.13 -2.69 12.99
N GLU B 40 6.07 -2.17 13.61
CA GLU B 40 6.24 -1.04 14.52
C GLU B 40 6.38 -1.45 15.98
N LYS B 41 5.66 -2.48 16.42
CA LYS B 41 5.50 -2.70 17.85
C LYS B 41 5.91 -4.07 18.37
N LEU B 42 6.26 -5.03 17.51
CA LEU B 42 6.78 -6.30 17.98
C LEU B 42 8.24 -6.07 18.39
N GLU B 43 8.54 -6.35 19.64
CA GLU B 43 9.89 -6.08 20.12
C GLU B 43 10.55 -7.40 20.49
N ALA B 44 11.39 -7.41 21.53
CA ALA B 44 12.25 -8.57 21.74
C ALA B 44 11.50 -9.71 22.39
N GLY B 45 11.97 -10.90 22.11
CA GLY B 45 11.50 -12.12 22.74
C GLY B 45 11.04 -13.14 21.73
N LYS B 46 10.41 -14.19 22.23
CA LYS B 46 9.94 -15.24 21.35
C LYS B 46 8.72 -14.74 20.59
N PHE B 47 8.84 -14.60 19.26
CA PHE B 47 7.81 -13.88 18.51
C PHE B 47 6.48 -14.62 18.54
N GLU B 48 6.48 -15.95 18.62
CA GLU B 48 5.21 -16.64 18.67
C GLU B 48 4.40 -16.19 19.88
N ASP B 49 5.00 -16.25 21.05
CA ASP B 49 4.30 -15.84 22.26
C ASP B 49 3.90 -14.36 22.19
N LYS B 50 4.81 -13.51 21.72
CA LYS B 50 4.53 -12.08 21.78
C LYS B 50 3.43 -11.66 20.79
N LEU B 51 3.41 -12.26 19.59
CA LEU B 51 2.36 -11.92 18.63
C LEU B 51 0.99 -12.37 19.13
N ILE B 52 0.91 -13.61 19.63
CA ILE B 52 -0.36 -14.10 20.15
C ILE B 52 -0.82 -13.23 21.30
N GLN B 53 0.10 -12.84 22.18
CA GLN B 53 -0.25 -11.96 23.28
C GLN B 53 -0.81 -10.65 22.77
N SER B 54 -0.26 -10.17 21.66
CA SER B 54 -0.70 -8.89 21.13
C SER B 54 -2.10 -8.98 20.52
N VAL B 55 -2.40 -10.10 19.85
CA VAL B 55 -3.78 -10.31 19.39
C VAL B 55 -4.73 -10.36 20.59
N MET B 56 -4.35 -11.08 21.65
CA MET B 56 -5.25 -11.25 22.78
C MET B 56 -5.52 -9.93 23.48
N GLY B 57 -4.58 -9.01 23.41
CA GLY B 57 -4.70 -7.73 24.10
C GLY B 57 -5.50 -6.68 23.37
N ALA B 58 -5.77 -6.87 22.09
CA ALA B 58 -6.40 -5.83 21.28
C ALA B 58 -7.90 -6.10 21.08
N ARG B 59 -8.72 -5.08 21.34
CA ARG B 59 -10.16 -5.26 21.23
C ARG B 59 -10.58 -5.52 19.79
N ASN B 60 -9.94 -4.85 18.85
CA ASN B 60 -10.30 -4.93 17.44
C ASN B 60 -9.22 -5.68 16.67
N PHE B 61 -9.65 -6.52 15.73
CA PHE B 61 -8.75 -7.31 14.90
C PHE B 61 -9.07 -6.97 13.44
N VAL B 62 -8.16 -6.23 12.81
CA VAL B 62 -8.32 -5.79 11.42
C VAL B 62 -7.54 -6.74 10.54
N LEU B 63 -8.24 -7.45 9.67
CA LEU B 63 -7.64 -8.49 8.86
C LEU B 63 -7.57 -8.01 7.43
N VAL B 64 -6.36 -7.90 6.89
CA VAL B 64 -6.14 -7.36 5.54
C VAL B 64 -6.23 -8.53 4.55
N LEU B 65 -7.32 -8.57 3.80
CA LEU B 65 -7.56 -9.64 2.84
C LEU B 65 -7.16 -9.14 1.45
N SER B 66 -5.86 -9.17 1.21
CA SER B 66 -5.27 -8.99 -0.11
C SER B 66 -5.54 -10.23 -0.94
N PRO B 67 -5.28 -10.17 -2.25
CA PRO B 67 -5.53 -11.35 -3.10
C PRO B 67 -4.77 -12.58 -2.62
N GLY B 68 -5.50 -13.67 -2.42
CA GLY B 68 -4.88 -14.91 -2.02
C GLY B 68 -4.43 -14.94 -0.59
N ALA B 69 -4.86 -13.98 0.24
CA ALA B 69 -4.30 -13.84 1.58
C ALA B 69 -4.57 -15.04 2.49
N LEU B 70 -5.61 -15.85 2.22
CA LEU B 70 -5.88 -17.03 3.04
C LEU B 70 -5.42 -18.33 2.37
N ASP B 71 -4.73 -18.24 1.23
CA ASP B 71 -4.31 -19.45 0.49
C ASP B 71 -3.42 -20.34 1.35
N LYS B 72 -2.45 -19.74 2.06
CA LYS B 72 -1.55 -20.52 2.92
C LYS B 72 -2.25 -21.09 4.15
N CYS B 73 -3.48 -20.62 4.46
CA CYS B 73 -4.23 -21.23 5.54
C CYS B 73 -4.86 -22.55 5.11
N MET B 74 -5.05 -22.74 3.82
CA MET B 74 -5.73 -23.93 3.34
C MET B 74 -4.85 -25.16 3.56
N GLN B 75 -5.45 -26.23 4.06
CA GLN B 75 -4.74 -27.46 4.36
C GLN B 75 -3.78 -27.33 5.55
N ASP B 76 -3.81 -26.19 6.25
CA ASP B 76 -2.89 -25.97 7.36
C ASP B 76 -3.49 -26.50 8.66
N HIS B 77 -3.69 -27.82 8.68
CA HIS B 77 -4.43 -28.42 9.78
C HIS B 77 -3.65 -28.38 11.09
N ASP B 78 -2.32 -28.31 11.03
CA ASP B 78 -1.47 -28.13 12.21
C ASP B 78 -1.33 -26.66 12.63
N CYS B 79 -1.96 -25.73 11.93
CA CYS B 79 -1.95 -24.32 12.33
C CYS B 79 -0.52 -23.79 12.46
N LYS B 80 0.28 -24.02 11.42
CA LYS B 80 1.62 -23.47 11.35
C LYS B 80 1.65 -22.12 10.63
N ASP B 81 0.62 -21.81 9.86
CA ASP B 81 0.57 -20.54 9.14
C ASP B 81 0.22 -19.40 10.08
N TRP B 82 0.92 -18.27 9.94
CA TRP B 82 0.81 -17.23 10.95
C TRP B 82 -0.47 -16.40 10.84
N VAL B 83 -0.98 -16.17 9.63
CA VAL B 83 -2.29 -15.51 9.53
C VAL B 83 -3.36 -16.43 10.08
N HIS B 84 -3.26 -17.74 9.80
CA HIS B 84 -4.15 -18.71 10.42
C HIS B 84 -4.09 -18.62 11.95
N LYS B 85 -2.88 -18.57 12.52
CA LYS B 85 -2.75 -18.50 13.99
C LYS B 85 -3.39 -17.24 14.52
N GLU B 86 -3.14 -16.11 13.86
CA GLU B 86 -3.67 -14.86 14.36
C GLU B 86 -5.19 -14.86 14.31
N ILE B 87 -5.76 -15.36 13.21
CA ILE B 87 -7.21 -15.44 13.08
C ILE B 87 -7.82 -16.35 14.16
N VAL B 88 -7.23 -17.52 14.37
CA VAL B 88 -7.79 -18.43 15.39
C VAL B 88 -7.73 -17.78 16.76
N THR B 89 -6.65 -17.06 17.07
CA THR B 89 -6.59 -16.36 18.35
C THR B 89 -7.69 -15.33 18.48
N ALA B 90 -7.91 -14.54 17.42
CA ALA B 90 -8.96 -13.53 17.44
C ALA B 90 -10.35 -14.16 17.59
N LEU B 91 -10.60 -15.26 16.88
CA LEU B 91 -11.88 -15.95 17.00
C LEU B 91 -12.05 -16.51 18.41
N SER B 92 -10.98 -17.11 18.96
N SER B 92 -11.00 -17.16 18.92
CA SER B 92 -11.09 -17.78 20.27
CA SER B 92 -11.08 -17.77 20.24
C SER B 92 -11.17 -16.79 21.42
C SER B 92 -11.41 -16.73 21.30
N CYS B 93 -10.82 -15.54 21.19
CA CYS B 93 -10.97 -14.50 22.18
C CYS B 93 -12.18 -13.60 21.92
N GLY B 94 -12.99 -13.92 20.92
CA GLY B 94 -14.21 -13.14 20.68
C GLY B 94 -13.92 -11.71 20.30
N LYS B 95 -12.83 -11.47 19.58
CA LYS B 95 -12.49 -10.11 19.20
C LYS B 95 -13.44 -9.58 18.15
N ASN B 96 -13.44 -8.25 18.05
CA ASN B 96 -14.18 -7.55 16.99
C ASN B 96 -13.38 -7.67 15.71
N ILE B 97 -13.75 -8.61 14.87
CA ILE B 97 -13.00 -8.88 13.64
C ILE B 97 -13.55 -8.02 12.50
N VAL B 98 -12.66 -7.29 11.84
CA VAL B 98 -13.05 -6.37 10.77
C VAL B 98 -12.23 -6.74 9.53
N PRO B 99 -12.75 -7.56 8.63
CA PRO B 99 -12.02 -7.88 7.40
C PRO B 99 -12.02 -6.69 6.45
N ILE B 100 -10.87 -6.45 5.84
CA ILE B 100 -10.71 -5.42 4.81
C ILE B 100 -10.41 -6.11 3.50
N ILE B 101 -11.30 -5.98 2.52
CA ILE B 101 -11.19 -6.71 1.25
C ILE B 101 -10.54 -5.81 0.21
N ASP B 102 -9.39 -6.25 -0.34
CA ASP B 102 -8.64 -5.55 -1.39
C ASP B 102 -8.29 -6.57 -2.47
N GLY B 103 -9.27 -6.86 -3.32
CA GLY B 103 -9.06 -7.79 -4.42
C GLY B 103 -9.15 -9.23 -4.03
N PHE B 104 -9.71 -9.51 -2.85
CA PHE B 104 -9.82 -10.84 -2.31
C PHE B 104 -11.11 -11.46 -2.83
N GLU B 105 -11.03 -12.75 -3.17
CA GLU B 105 -12.19 -13.54 -3.56
C GLU B 105 -12.54 -14.48 -2.41
N TRP B 106 -13.79 -14.42 -1.96
CA TRP B 106 -14.27 -15.26 -0.89
C TRP B 106 -14.16 -16.74 -1.27
N PRO B 107 -13.45 -17.56 -0.51
CA PRO B 107 -13.49 -19.00 -0.76
C PRO B 107 -14.75 -19.62 -0.18
N GLU B 108 -15.01 -20.85 -0.60
CA GLU B 108 -16.01 -21.65 0.09
C GLU B 108 -15.47 -22.08 1.45
N PRO B 109 -16.30 -22.08 2.51
CA PRO B 109 -15.79 -22.43 3.84
C PRO B 109 -15.00 -23.74 3.89
N GLN B 110 -15.47 -24.78 3.18
CA GLN B 110 -14.86 -26.10 3.31
C GLN B 110 -13.39 -26.13 2.92
N VAL B 111 -12.90 -25.11 2.19
CA VAL B 111 -11.49 -25.14 1.80
C VAL B 111 -10.57 -24.69 2.92
N LEU B 112 -11.14 -24.14 4.02
CA LEU B 112 -10.36 -23.62 5.14
C LEU B 112 -10.46 -24.53 6.35
N PRO B 113 -9.45 -24.51 7.22
CA PRO B 113 -9.52 -25.33 8.42
C PRO B 113 -10.73 -24.94 9.26
N GLU B 114 -11.32 -25.95 9.91
CA GLU B 114 -12.57 -25.70 10.61
C GLU B 114 -12.41 -24.63 11.68
N ASP B 115 -11.22 -24.50 12.26
CA ASP B 115 -11.06 -23.58 13.39
C ASP B 115 -11.03 -22.12 12.94
N MET B 116 -11.03 -21.86 11.63
CA MET B 116 -11.07 -20.48 11.17
C MET B 116 -12.17 -20.20 10.15
N GLN B 117 -13.02 -21.18 9.83
CA GLN B 117 -14.10 -20.92 8.88
C GLN B 117 -15.00 -19.79 9.33
N ALA B 118 -15.12 -19.55 10.64
CA ALA B 118 -16.00 -18.48 11.09
C ALA B 118 -15.53 -17.11 10.63
N VAL B 119 -14.28 -16.95 10.20
CA VAL B 119 -13.84 -15.62 9.83
C VAL B 119 -14.67 -15.08 8.65
N LEU B 120 -15.20 -15.98 7.83
CA LEU B 120 -15.96 -15.58 6.66
C LEU B 120 -17.35 -15.07 6.99
N THR B 121 -17.79 -15.20 8.24
CA THR B 121 -19.13 -14.77 8.62
C THR B 121 -19.18 -13.34 9.13
N PHE B 122 -18.05 -12.63 9.16
CA PHE B 122 -18.01 -11.27 9.66
C PHE B 122 -18.19 -10.30 8.50
N ASN B 123 -18.94 -9.23 8.75
CA ASN B 123 -19.13 -8.19 7.74
C ASN B 123 -17.81 -7.52 7.40
N GLY B 124 -17.42 -7.59 6.13
CA GLY B 124 -16.19 -6.99 5.67
C GLY B 124 -16.39 -5.65 4.97
N ILE B 125 -15.30 -4.89 4.85
CA ILE B 125 -15.30 -3.58 4.23
C ILE B 125 -14.46 -3.65 2.97
N LYS B 126 -14.99 -3.14 1.86
CA LYS B 126 -14.25 -3.13 0.61
C LYS B 126 -13.35 -1.92 0.56
N TRP B 127 -12.05 -2.16 0.31
CA TRP B 127 -11.10 -1.07 0.19
C TRP B 127 -11.32 -0.42 -1.18
N SER B 128 -11.57 0.88 -1.19
CA SER B 128 -11.81 1.62 -2.43
C SER B 128 -10.67 2.61 -2.65
N HIS B 129 -9.86 2.35 -3.66
CA HIS B 129 -8.77 3.25 -3.99
C HIS B 129 -9.28 4.63 -4.41
N GLU B 130 -10.47 4.70 -5.03
CA GLU B 130 -11.02 5.99 -5.44
C GLU B 130 -11.68 6.75 -4.31
N TYR B 131 -12.14 6.06 -3.26
CA TYR B 131 -12.83 6.68 -2.15
C TYR B 131 -12.20 6.23 -0.82
N GLN B 132 -10.92 6.60 -0.62
CA GLN B 132 -10.21 6.05 0.55
C GLN B 132 -10.68 6.69 1.85
N GLU B 133 -10.94 7.99 1.83
CA GLU B 133 -11.41 8.65 3.05
C GLU B 133 -12.72 8.04 3.50
N ALA B 134 -13.61 7.73 2.56
CA ALA B 134 -14.88 7.10 2.91
C ALA B 134 -14.68 5.69 3.45
N THR B 135 -13.75 4.95 2.85
CA THR B 135 -13.41 3.63 3.37
C THR B 135 -12.91 3.74 4.81
N ILE B 136 -12.00 4.68 5.08
CA ILE B 136 -11.47 4.80 6.43
C ILE B 136 -12.58 5.18 7.41
N GLU B 137 -13.49 6.08 7.00
CA GLU B 137 -14.56 6.46 7.91
C GLU B 137 -15.44 5.27 8.25
N LYS B 138 -15.66 4.37 7.28
CA LYS B 138 -16.46 3.17 7.55
C LYS B 138 -15.71 2.24 8.49
N ILE B 139 -14.41 2.08 8.28
CA ILE B 139 -13.62 1.25 9.19
C ILE B 139 -13.75 1.78 10.61
N ILE B 140 -13.66 3.10 10.78
CA ILE B 140 -13.72 3.67 12.12
C ILE B 140 -15.09 3.42 12.75
N ARG B 141 -16.16 3.46 11.94
CA ARG B 141 -17.48 3.11 12.44
C ARG B 141 -17.54 1.67 12.95
N PHE B 142 -16.80 0.75 12.32
CA PHE B 142 -16.78 -0.64 12.74
C PHE B 142 -15.98 -0.90 14.01
N LEU B 143 -15.04 -0.04 14.36
CA LEU B 143 -14.17 -0.26 15.51
C LEU B 143 -14.88 0.07 16.81
N GLN B 144 -14.56 -0.72 17.83
CA GLN B 144 -15.04 -0.53 19.20
C GLN B 144 -14.01 0.17 20.08
C8 1O4 C . -9.01 2.73 -15.90
C5 1O4 C . -6.18 3.89 -14.62
C6 1O4 C . -7.66 3.84 -14.28
N6 1O4 C . -7.04 9.28 -13.54
N1 1O4 C . -10.50 5.46 -18.93
C2 1O4 C . -1.00 7.03 -12.83
N3 1O4 C . -12.28 8.16 -17.10
C4 1O4 C . -1.65 4.91 -14.11
N 1O4 C . -9.96 4.90 -16.82
C 1O4 C . -2.21 7.97 -14.74
O 1O4 C . -1.40 4.19 -15.34
C1 1O4 C . -2.09 8.06 -13.21
C10 1O4 C . -9.86 4.62 -18.15
C11 1O4 C . -11.05 6.37 -18.04
C12 1O4 C . -10.73 6.04 -16.73
C13 1O4 C . -11.88 7.71 -15.91
C14 1O4 C . -11.87 7.50 -18.21
C15 1O4 C . -4.62 8.16 -14.69
C16 1O4 C . -5.86 8.12 -15.32
C17 1O4 C . -7.01 8.82 -14.82
C18 1O4 C . -8.15 8.90 -15.63
C19 1O4 C . -8.20 8.28 -16.86
C20 1O4 C . -7.15 7.53 -17.32
C21 1O4 C . -5.95 7.44 -16.56
C22 1O4 C . -4.80 6.75 -17.03
C23 1O4 C . -3.64 6.83 -16.35
C3 1O4 C . -0.85 6.18 -14.10
C7 1O4 C . -8.33 2.49 -14.56
C9 1O4 C . -9.49 4.15 -15.66
N2 1O4 C . -11.10 6.67 -15.62
N4 1O4 C . -12.30 7.95 -19.40
N5 1O4 C . -3.55 7.57 -15.23
O1 1O4 C . -3.54 3.15 -15.67
O10 1O4 C . -1.27 7.03 -15.19
O11 1O4 C . 0.24 7.62 -12.50
O12 1O4 C . -1.75 9.39 -12.85
O2 1O4 C . -4.62 2.44 -17.80
O3 1O4 C . -5.99 3.40 -15.96
O4 1O4 C . -8.38 4.81 -15.09
O5 1O4 C . -10.10 1.85 -16.16
O6 1O4 C . -9.29 2.22 -13.54
O7 1O4 C . -4.97 1.10 -15.63
O8 1O4 C . -1.82 1.95 -14.27
O9 1O4 C . -1.51 2.15 -16.79
P 1O4 C . -2.01 2.73 -15.52
P1 1O4 C . -4.79 2.41 -16.32
H6 1O4 C . -8.31 2.67 -16.74
H51 1O4 C . -5.56 3.29 -13.95
H52 1O4 C . -5.80 4.92 -14.55
H4 1O4 C . -7.81 4.14 -13.25
HN62 1O4 C . -7.87 9.69 -13.15
HN61 1O4 C . -6.23 9.22 -12.94
H2 1O4 C . -1.35 6.43 -11.99
H42 1O4 C . -1.36 4.25 -13.30
H41 1O4 C . -2.72 5.12 -13.98
H 1O4 C . -1.96 8.90 -15.22
H1 1O4 C . -3.02 7.80 -12.71
H10 1O4 C . -9.29 3.77 -18.54
H13 1O4 C . -12.24 8.29 -15.06
H15 1O4 C . -4.49 8.66 -13.72
H18 1O4 C . -9.02 9.47 -15.29
H19 1O4 C . -9.10 8.38 -17.48
H20 1O4 C . -7.22 7.00 -18.26
H22 1O4 C . -4.86 6.16 -17.95
H23 1O4 C . -2.75 6.30 -16.69
H3 1O4 C . 0.20 5.96 -14.28
H5 1O4 C . -7.63 1.65 -14.61
H7 1O4 C . -10.28 4.19 -14.90
HN41 1O4 C . -12.89 8.78 -19.46
HN42 1O4 C . -12.04 7.50 -20.27
HO11 1O4 C . 0.71 7.81 -13.35
HO12 1O4 C . -0.79 9.53 -13.07
HO5 1O4 C . -10.85 2.10 -15.55
HO6 1O4 C . -9.79 1.40 -13.82
C8 1O4 D . 10.36 -13.54 7.63
C5 1O4 D . 7.12 -12.64 8.02
C6 1O4 D . 8.52 -12.10 8.15
N6 1O4 D . 7.16 -10.07 13.07
N1 1O4 D . 11.73 -15.63 11.22
C2 1O4 D . 1.37 -10.68 10.11
N3 1O4 D . 12.88 -12.93 13.51
C4 1O4 D . 2.44 -12.32 8.44
N 1O4 D . 11.02 -13.82 10.07
C 1O4 D . 2.65 -12.13 11.60
O 1O4 D . 2.34 -13.69 7.98
C1 1O4 D . 2.33 -10.65 11.31
C10 1O4 D . 11.12 -15.19 10.15
C11 1O4 D . 12.04 -14.46 11.91
C12 1O4 D . 11.62 -13.34 11.20
C13 1O4 D . 12.41 -11.96 12.72
C14 1O4 D . 12.71 -14.22 13.12
C15 1O4 D . 5.00 -11.73 12.03
C16 1O4 D . 6.29 -12.21 12.27
C17 1O4 D . 7.32 -11.44 12.91
C18 1O4 D . 8.53 -12.04 13.22
C19 1O4 D . 8.79 -13.35 12.88
C20 1O4 D . 7.86 -14.09 12.20
C21 1O4 D . 6.59 -13.55 11.88
C22 1O4 D . 5.59 -14.29 11.20
C23 1O4 D . 4.37 -13.76 11.01
C3 1O4 D . 1.48 -12.11 9.59
C7 1O4 D . 9.49 -12.44 7.01
C9 1O4 D . 10.47 -12.96 9.02
N2 1O4 D . 11.77 -12.06 11.56
N4 1O4 D . 13.19 -15.18 13.93
N5 1O4 D . 4.07 -12.52 11.46
O1 1O4 D . 4.67 -14.06 7.28
O10 1O4 D . 1.88 -12.90 10.72
O11 1O4 D . 0.02 -10.37 10.48
O12 1O4 D . 1.77 -10.05 12.46
O2 1O4 D . 5.96 -16.17 7.16
O3 1O4 D . 7.14 -14.05 7.70
O4 1O4 D . 9.15 -12.59 9.36
O5 1O4 D . 11.63 -13.67 7.00
O6 1O4 D . 10.29 -11.29 6.74
O7 1O4 D . 6.24 -14.38 5.36
O8 1O4 D . 3.04 -13.18 5.63
O9 1O4 D . 2.87 -15.59 6.42
P 1O4 D . 3.18 -14.18 6.71
P1 1O4 D . 6.03 -14.73 6.78
H6 1O4 D . 9.85 -14.51 7.62
H51 1O4 D . 6.53 -12.14 7.24
H52 1O4 D . 6.57 -12.51 8.95
H4 1O4 D . 8.46 -11.02 8.28
HN62 1O4 D . 7.92 -9.50 13.40
HN61 1O4 D . 6.29 -9.60 12.84
H2 1O4 D . 1.69 -9.96 9.37
H42 1O4 D . 2.17 -11.69 7.60
H41 1O4 D . 3.45 -12.06 8.74
H 1O4 D . 2.34 -12.42 12.60
H1 1O4 D . 3.24 -10.10 11.04
H10 1O4 D . 10.73 -15.85 9.37
H13 1O4 D . 12.58 -10.95 13.09
H15 1O4 D . 4.72 -10.72 12.30
H18 1O4 D . 9.30 -11.48 13.75
H19 1O4 D . 9.75 -13.79 13.15
H20 1O4 D . 8.08 -15.12 11.89
H22 1O4 D . 5.82 -15.29 10.85
H23 1O4 D . 3.59 -14.31 10.47
H3 1O4 D . 0.49 -12.48 9.30
H5 1O4 D . 9.01 -12.76 6.09
H7 1O4 D . 11.04 -12.04 9.04
HN41 1O4 D . 13.66 -14.94 14.79
HN42 1O4 D . 13.09 -16.16 13.69
HO11 1O4 D . -0.40 -11.21 10.78
HO12 1O4 D . 0.82 -10.31 12.51
HO5 1O4 D . 12.18 -12.88 7.26
HO6 1O4 D . 10.97 -11.55 6.08
#